data_7NLN
#
_entry.id   7NLN
#
_cell.length_a   100.244
_cell.length_b   100.244
_cell.length_c   124.526
_cell.angle_alpha   90.000
_cell.angle_beta   90.000
_cell.angle_gamma   120.000
#
_symmetry.space_group_name_H-M   'P 63'
#
loop_
_entity.id
_entity.type
_entity.pdbx_description
1 polymer 'Acetylglutamate kinase'
2 non-polymer N-ACETYL-L-GLUTAMATE
3 non-polymer 1,2-ETHANEDIOL
4 water water
#
_entity_poly.entity_id   1
_entity_poly.type   'polypeptide(L)'
_entity_poly.pdbx_seq_one_letter_code
;GSMVSRIEALPTHIKAQVLAEALPWLKQLHGKVVVVKYGGNAMTDDTLRRAFAADMAFLRNCGIHPVVVHGGGPQITAML
RRLGIEGDFKGGFRVTTPEVLDVARMVLFGQVGRELVNLINAHGPYAVGITGEDAQLFTAVRRSVTVDGVATDIGLVGDV
DQVNTAAMLDLVAAGRIPVVSTLAPDADGVVHNINADTAAAAVAEALGAEKLLMLTDIDGLYTRWPDRDSLVSEIDTGTL
AQLLPTLESGMVPKVEACLRAVIGGVPSAHIIDGRVTHCVLVELFTDAGTGTKVVRG
;
_entity_poly.pdbx_strand_id   A,B
#
# COMPACT_ATOMS: atom_id res chain seq x y z
N GLU A 8 15.46 -16.98 32.78
CA GLU A 8 16.39 -16.59 33.84
C GLU A 8 17.00 -17.80 34.54
N ALA A 9 16.16 -18.78 34.85
CA ALA A 9 16.61 -19.99 35.53
C ALA A 9 17.49 -20.86 34.63
N LEU A 10 17.48 -20.64 33.32
CA LEU A 10 18.22 -21.50 32.41
C LEU A 10 19.72 -21.24 32.49
N PRO A 11 20.53 -22.27 32.73
CA PRO A 11 21.98 -22.08 32.79
C PRO A 11 22.55 -21.53 31.50
N THR A 12 23.62 -20.75 31.64
CA THR A 12 24.17 -20.03 30.50
C THR A 12 24.74 -20.99 29.47
N HIS A 13 25.35 -22.10 29.90
CA HIS A 13 25.91 -23.01 28.90
C HIS A 13 24.83 -23.65 28.03
N ILE A 14 23.60 -23.75 28.55
CA ILE A 14 22.51 -24.27 27.74
C ILE A 14 22.06 -23.25 26.71
N LYS A 15 21.99 -21.98 27.11
CA LYS A 15 21.64 -20.94 26.14
C LYS A 15 22.68 -20.88 25.02
N ALA A 16 23.96 -20.99 25.38
CA ALA A 16 25.02 -20.98 24.37
C ALA A 16 24.82 -22.09 23.35
N GLN A 17 24.46 -23.29 23.83
CA GLN A 17 24.29 -24.43 22.95
C GLN A 17 23.08 -24.26 22.05
N VAL A 18 22.00 -23.67 22.55
CA VAL A 18 20.86 -23.39 21.67
C VAL A 18 21.27 -22.43 20.56
N LEU A 19 21.99 -21.36 20.90
CA LEU A 19 22.45 -20.44 19.86
C LEU A 19 23.39 -21.15 18.90
N ALA A 20 24.34 -21.93 19.42
CA ALA A 20 25.32 -22.56 18.56
C ALA A 20 24.65 -23.50 17.55
N GLU A 21 23.60 -24.20 17.98
CA GLU A 21 22.92 -25.14 17.09
C GLU A 21 22.13 -24.44 15.99
N ALA A 22 21.92 -23.13 16.07
CA ALA A 22 21.32 -22.46 14.95
C ALA A 22 22.27 -22.30 13.77
N LEU A 23 23.56 -22.53 13.95
CA LEU A 23 24.52 -22.11 12.93
C LEU A 23 24.29 -22.77 11.56
N PRO A 24 24.08 -24.08 11.45
CA PRO A 24 23.81 -24.65 10.12
C PRO A 24 22.66 -23.99 9.40
N TRP A 25 21.64 -23.54 10.13
CA TRP A 25 20.46 -22.99 9.49
C TRP A 25 20.67 -21.54 9.10
N LEU A 26 21.39 -20.78 9.94
CA LEU A 26 21.84 -19.45 9.54
C LEU A 26 22.70 -19.49 8.29
N LYS A 27 23.59 -20.48 8.16
CA LYS A 27 24.40 -20.56 6.94
C LYS A 27 23.54 -20.86 5.72
N GLN A 28 22.54 -21.73 5.89
CA GLN A 28 21.69 -22.09 4.75
C GLN A 28 20.84 -20.92 4.29
N LEU A 29 20.41 -20.06 5.20
CA LEU A 29 19.46 -19.01 4.87
C LEU A 29 20.08 -17.64 4.67
N HIS A 30 21.36 -17.46 5.00
CA HIS A 30 21.96 -16.16 4.86
C HIS A 30 21.92 -15.71 3.40
N GLY A 31 21.38 -14.51 3.17
CA GLY A 31 21.28 -13.98 1.83
C GLY A 31 20.19 -14.58 0.97
N LYS A 32 19.32 -15.40 1.54
CA LYS A 32 18.28 -16.10 0.79
C LYS A 32 16.91 -15.53 1.12
N VAL A 33 15.98 -15.74 0.20
CA VAL A 33 14.60 -15.33 0.42
C VAL A 33 13.84 -16.44 1.13
N VAL A 34 13.04 -16.06 2.12
CA VAL A 34 12.12 -16.98 2.79
C VAL A 34 10.73 -16.34 2.72
N VAL A 35 9.79 -17.03 2.10
CA VAL A 35 8.42 -16.53 2.02
C VAL A 35 7.64 -17.11 3.18
N VAL A 36 6.94 -16.24 3.91
CA VAL A 36 6.19 -16.66 5.09
C VAL A 36 4.73 -16.25 4.89
N LYS A 37 3.83 -17.23 4.80
CA LYS A 37 2.42 -16.95 4.68
C LYS A 37 1.88 -16.82 6.10
N TYR A 38 1.34 -15.66 6.38
CA TYR A 38 0.92 -15.31 7.73
C TYR A 38 -0.59 -15.25 7.77
N GLY A 39 -1.18 -15.95 8.72
CA GLY A 39 -2.62 -16.00 8.82
C GLY A 39 -3.02 -16.84 10.02
N GLY A 40 -4.33 -17.04 10.14
CA GLY A 40 -4.93 -17.76 11.25
C GLY A 40 -4.94 -16.95 12.53
N ASN A 41 -5.00 -17.65 13.66
CA ASN A 41 -5.03 -16.96 14.94
C ASN A 41 -3.70 -16.27 15.23
N ALA A 42 -2.64 -16.55 14.48
CA ALA A 42 -1.38 -15.82 14.71
C ALA A 42 -1.54 -14.34 14.35
N MET A 43 -2.65 -13.98 13.74
CA MET A 43 -2.91 -12.55 13.39
C MET A 43 -3.98 -11.94 14.30
N THR A 44 -4.43 -12.68 15.31
CA THR A 44 -5.48 -12.18 16.24
C THR A 44 -4.94 -12.12 17.67
N ASP A 45 -4.20 -13.14 18.11
CA ASP A 45 -3.59 -13.12 19.46
C ASP A 45 -2.48 -12.07 19.48
N ASP A 46 -2.50 -11.21 20.49
CA ASP A 46 -1.57 -10.08 20.49
C ASP A 46 -0.13 -10.52 20.79
N THR A 47 0.06 -11.51 21.67
CA THR A 47 1.42 -12.01 21.91
C THR A 47 1.98 -12.70 20.67
N LEU A 48 1.16 -13.48 19.98
CA LEU A 48 1.65 -14.18 18.79
C LEU A 48 2.00 -13.19 17.69
N ARG A 49 1.19 -12.15 17.51
CA ARG A 49 1.43 -11.18 16.46
C ARG A 49 2.74 -10.44 16.69
N ARG A 50 2.97 -9.99 17.92
CA ARG A 50 4.22 -9.28 18.19
C ARG A 50 5.41 -10.23 18.09
N ALA A 51 5.23 -11.49 18.45
CA ALA A 51 6.34 -12.43 18.27
C ALA A 51 6.61 -12.66 16.78
N PHE A 52 5.54 -12.73 15.97
CA PHE A 52 5.75 -12.92 14.54
C PHE A 52 6.53 -11.75 13.95
N ALA A 53 6.14 -10.52 14.28
CA ALA A 53 6.84 -9.34 13.79
C ALA A 53 8.29 -9.33 14.25
N ALA A 54 8.54 -9.71 15.51
CA ALA A 54 9.91 -9.80 16.01
C ALA A 54 10.72 -10.84 15.24
N ASP A 55 10.09 -11.95 14.85
CA ASP A 55 10.80 -12.96 14.08
C ASP A 55 11.14 -12.45 12.68
N MET A 56 10.26 -11.62 12.09
CA MET A 56 10.61 -10.99 10.82
C MET A 56 11.81 -10.06 10.99
N ALA A 57 11.83 -9.27 12.06
CA ALA A 57 12.99 -8.41 12.32
C ALA A 57 14.24 -9.24 12.62
N PHE A 58 14.06 -10.36 13.30
CA PHE A 58 15.17 -11.29 13.55
C PHE A 58 15.79 -11.73 12.23
N LEU A 59 14.96 -12.22 11.30
CA LEU A 59 15.48 -12.67 10.01
C LEU A 59 16.20 -11.54 9.32
N ARG A 60 15.62 -10.37 9.34
CA ARG A 60 16.22 -9.25 8.72
C ARG A 60 17.58 -8.91 9.30
N ASN A 61 17.71 -9.00 10.61
CA ASN A 61 18.96 -8.68 11.28
C ASN A 61 19.92 -9.87 11.34
N CYS A 62 19.59 -10.97 10.68
CA CYS A 62 20.58 -12.01 10.35
C CYS A 62 21.01 -11.98 8.89
N GLY A 63 20.54 -11.03 8.09
CA GLY A 63 20.90 -11.04 6.68
C GLY A 63 20.06 -11.97 5.81
N ILE A 64 18.96 -12.46 6.34
CA ILE A 64 17.98 -13.26 5.61
C ILE A 64 16.93 -12.30 5.05
N HIS A 65 16.30 -12.69 3.93
CA HIS A 65 15.35 -11.80 3.27
C HIS A 65 13.93 -12.32 3.37
N PRO A 66 13.20 -12.01 4.43
CA PRO A 66 11.81 -12.46 4.52
C PRO A 66 10.90 -11.68 3.59
N VAL A 67 9.88 -12.39 3.09
CA VAL A 67 8.80 -11.80 2.31
C VAL A 67 7.52 -12.33 2.94
N VAL A 68 6.68 -11.44 3.45
CA VAL A 68 5.47 -11.83 4.15
C VAL A 68 4.28 -11.71 3.20
N VAL A 69 3.49 -12.78 3.12
CA VAL A 69 2.25 -12.80 2.36
C VAL A 69 1.15 -13.10 3.36
N HIS A 70 0.14 -12.22 3.44
CA HIS A 70 -0.86 -12.38 4.49
C HIS A 70 -2.23 -12.62 3.89
N GLY A 71 -3.09 -13.24 4.70
CA GLY A 71 -4.48 -13.41 4.40
C GLY A 71 -5.35 -12.50 5.25
N GLY A 72 -6.65 -12.81 5.28
CA GLY A 72 -7.56 -12.04 6.09
C GLY A 72 -9.01 -12.39 5.87
N GLY A 73 -9.30 -13.68 5.67
CA GLY A 73 -10.64 -14.16 5.47
C GLY A 73 -11.67 -13.69 6.48
N PRO A 74 -11.41 -13.92 7.77
CA PRO A 74 -12.40 -13.49 8.78
C PRO A 74 -12.58 -11.99 8.87
N GLN A 75 -11.51 -11.22 8.68
CA GLN A 75 -11.64 -9.76 8.69
C GLN A 75 -12.48 -9.27 7.52
N ILE A 76 -12.30 -9.87 6.34
CA ILE A 76 -13.14 -9.51 5.20
C ILE A 76 -14.60 -9.83 5.51
N THR A 77 -14.86 -11.05 5.97
CA THR A 77 -16.23 -11.46 6.30
C THR A 77 -16.87 -10.51 7.29
N ALA A 78 -16.11 -10.10 8.32
CA ALA A 78 -16.66 -9.19 9.32
C ALA A 78 -17.04 -7.85 8.71
N MET A 79 -16.20 -7.29 7.82
CA MET A 79 -16.50 -5.98 7.24
C MET A 79 -17.69 -6.06 6.29
N LEU A 80 -17.77 -7.15 5.52
CA LEU A 80 -18.94 -7.33 4.66
C LEU A 80 -20.22 -7.40 5.47
N ARG A 81 -20.18 -8.12 6.60
CA ARG A 81 -21.36 -8.15 7.48
C ARG A 81 -21.71 -6.76 8.00
N ARG A 82 -20.70 -6.00 8.43
CA ARG A 82 -20.96 -4.64 8.91
C ARG A 82 -21.59 -3.78 7.84
N LEU A 83 -21.24 -4.01 6.58
CA LEU A 83 -21.77 -3.19 5.50
C LEU A 83 -23.06 -3.76 4.91
N GLY A 84 -23.53 -4.91 5.39
CA GLY A 84 -24.75 -5.51 4.87
C GLY A 84 -24.66 -6.11 3.49
N ILE A 85 -23.47 -6.58 3.10
CA ILE A 85 -23.22 -7.21 1.80
C ILE A 85 -23.28 -8.72 1.97
N GLU A 86 -24.24 -9.37 1.31
CA GLU A 86 -24.41 -10.81 1.45
C GLU A 86 -23.48 -11.54 0.47
N GLY A 87 -22.78 -12.55 0.98
CA GLY A 87 -21.82 -13.32 0.20
C GLY A 87 -21.69 -14.73 0.74
N ASP A 88 -20.76 -15.49 0.15
CA ASP A 88 -20.58 -16.89 0.53
C ASP A 88 -19.23 -17.40 0.02
N PHE A 89 -18.99 -18.68 0.25
CA PHE A 89 -17.81 -19.41 -0.19
C PHE A 89 -18.27 -20.60 -1.01
N LYS A 90 -17.37 -21.15 -1.83
CA LYS A 90 -17.74 -22.39 -2.51
C LYS A 90 -16.63 -23.44 -2.54
N GLY A 91 -15.49 -23.11 -3.11
CA GLY A 91 -14.42 -24.10 -3.15
C GLY A 91 -13.35 -23.75 -2.14
N GLY A 92 -13.77 -23.22 -1.00
CA GLY A 92 -12.85 -22.62 -0.06
C GLY A 92 -12.45 -21.22 -0.47
N PHE A 93 -12.98 -20.74 -1.61
CA PHE A 93 -12.74 -19.41 -2.15
C PHE A 93 -13.98 -18.56 -1.98
N ARG A 94 -13.76 -17.26 -1.78
CA ARG A 94 -14.85 -16.32 -1.58
C ARG A 94 -15.47 -15.93 -2.93
N VAL A 95 -16.79 -16.04 -3.05
CA VAL A 95 -17.47 -15.55 -4.24
C VAL A 95 -17.36 -14.03 -4.26
N THR A 96 -16.81 -13.50 -5.35
CA THR A 96 -16.32 -12.12 -5.35
C THR A 96 -16.98 -11.31 -6.47
N THR A 97 -18.02 -10.58 -6.12
CA THR A 97 -18.58 -9.54 -6.98
C THR A 97 -17.64 -8.34 -6.97
N PRO A 98 -17.83 -7.39 -7.90
CA PRO A 98 -17.04 -6.14 -7.80
C PRO A 98 -17.16 -5.48 -6.44
N GLU A 99 -18.37 -5.48 -5.87
CA GLU A 99 -18.60 -4.90 -4.56
C GLU A 99 -17.77 -5.62 -3.49
N VAL A 100 -17.79 -6.97 -3.51
CA VAL A 100 -16.96 -7.73 -2.57
C VAL A 100 -15.49 -7.46 -2.78
N LEU A 101 -15.05 -7.38 -4.04
CA LEU A 101 -13.63 -7.14 -4.31
C LEU A 101 -13.16 -5.84 -3.66
N ASP A 102 -13.95 -4.77 -3.82
CA ASP A 102 -13.56 -3.50 -3.23
CA ASP A 102 -13.57 -3.48 -3.23
C ASP A 102 -13.40 -3.60 -1.72
N VAL A 103 -14.32 -4.29 -1.05
CA VAL A 103 -14.21 -4.44 0.40
C VAL A 103 -13.01 -5.29 0.76
N ALA A 104 -12.84 -6.42 0.05
CA ALA A 104 -11.71 -7.30 0.29
C ALA A 104 -10.41 -6.55 0.18
N ARG A 105 -10.26 -5.76 -0.89
CA ARG A 105 -9.01 -5.02 -1.09
C ARG A 105 -8.82 -4.00 0.01
N MET A 106 -9.88 -3.29 0.37
CA MET A 106 -9.76 -2.25 1.39
C MET A 106 -9.42 -2.85 2.77
N VAL A 107 -9.99 -4.00 3.10
CA VAL A 107 -9.66 -4.64 4.38
C VAL A 107 -8.26 -5.23 4.35
N LEU A 108 -7.92 -5.97 3.29
CA LEU A 108 -6.61 -6.64 3.28
C LEU A 108 -5.47 -5.61 3.23
N PHE A 109 -5.55 -4.66 2.31
CA PHE A 109 -4.44 -3.73 2.10
C PHE A 109 -4.50 -2.55 3.07
N GLY A 110 -5.71 -2.07 3.39
CA GLY A 110 -5.87 -0.89 4.21
C GLY A 110 -6.08 -1.14 5.68
N GLN A 111 -6.12 -2.40 6.14
CA GLN A 111 -6.36 -2.69 7.55
C GLN A 111 -5.42 -3.80 8.01
N VAL A 112 -5.58 -5.00 7.47
CA VAL A 112 -4.78 -6.15 7.93
C VAL A 112 -3.30 -5.94 7.61
N GLY A 113 -2.99 -5.61 6.35
CA GLY A 113 -1.62 -5.34 5.98
C GLY A 113 -1.02 -4.17 6.74
N ARG A 114 -1.83 -3.16 7.05
CA ARG A 114 -1.34 -2.01 7.80
C ARG A 114 -0.92 -2.39 9.22
N GLU A 115 -1.69 -3.25 9.89
CA GLU A 115 -1.33 -3.65 11.24
C GLU A 115 -0.02 -4.40 11.22
N LEU A 116 0.18 -5.27 10.23
CA LEU A 116 1.41 -6.04 10.18
C LEU A 116 2.60 -5.14 9.87
N VAL A 117 2.44 -4.19 8.95
CA VAL A 117 3.52 -3.27 8.63
C VAL A 117 3.95 -2.50 9.88
N ASN A 118 2.98 -1.99 10.63
CA ASN A 118 3.32 -1.21 11.82
C ASN A 118 3.93 -2.09 12.92
N LEU A 119 3.45 -3.33 13.06
CA LEU A 119 4.04 -4.22 14.08
C LEU A 119 5.51 -4.47 13.75
N ILE A 120 5.83 -4.75 12.49
CA ILE A 120 7.23 -5.03 12.10
C ILE A 120 8.07 -3.77 12.26
N ASN A 121 7.49 -2.61 11.98
CA ASN A 121 8.26 -1.34 11.97
C ASN A 121 8.57 -0.83 13.37
N ALA A 122 8.00 -1.46 14.40
CA ALA A 122 8.40 -1.11 15.77
C ALA A 122 9.87 -1.49 15.94
N HIS A 123 10.40 -2.30 15.01
CA HIS A 123 11.81 -2.76 15.12
C HIS A 123 12.72 -2.01 14.17
N GLY A 124 12.17 -1.20 13.27
CA GLY A 124 12.99 -0.46 12.30
C GLY A 124 12.25 -0.17 11.00
N PRO A 125 12.90 0.51 10.03
CA PRO A 125 12.25 0.90 8.78
C PRO A 125 12.30 -0.23 7.75
N TYR A 126 11.56 -1.30 7.98
CA TYR A 126 11.72 -2.50 7.11
C TYR A 126 10.49 -2.78 6.26
N ALA A 127 9.33 -2.88 6.87
CA ALA A 127 8.12 -3.33 6.16
C ALA A 127 7.51 -2.32 5.22
N VAL A 128 7.17 -2.80 4.04
CA VAL A 128 6.52 -2.03 3.01
C VAL A 128 5.36 -2.85 2.43
N GLY A 129 4.16 -2.28 2.47
CA GLY A 129 2.96 -2.96 1.97
C GLY A 129 2.85 -2.84 0.46
N ILE A 130 2.54 -3.96 -0.19
CA ILE A 130 2.38 -3.97 -1.67
C ILE A 130 1.27 -4.94 -2.09
N THR A 131 0.66 -4.69 -3.23
CA THR A 131 -0.28 -5.65 -3.83
C THR A 131 0.28 -5.88 -5.24
N GLY A 132 -0.32 -6.79 -6.00
CA GLY A 132 0.08 -6.97 -7.40
C GLY A 132 -0.19 -5.71 -8.22
N GLU A 133 -1.07 -4.84 -7.73
CA GLU A 133 -1.34 -3.62 -8.47
C GLU A 133 -0.12 -2.70 -8.52
N ASP A 134 0.65 -2.66 -7.44
CA ASP A 134 1.75 -1.73 -7.30
C ASP A 134 2.88 -2.12 -8.23
N ALA A 135 3.29 -1.19 -9.10
CA ALA A 135 4.33 -1.41 -10.11
C ALA A 135 4.07 -2.68 -10.92
N GLN A 136 2.80 -3.09 -11.04
CA GLN A 136 2.42 -4.33 -11.73
C GLN A 136 3.26 -5.52 -11.23
N LEU A 137 3.42 -5.60 -9.91
CA LEU A 137 4.35 -6.57 -9.33
C LEU A 137 3.93 -8.00 -9.61
N PHE A 138 2.64 -8.28 -9.68
CA PHE A 138 2.20 -9.55 -10.25
C PHE A 138 0.80 -9.40 -10.82
N THR A 139 0.45 -10.31 -11.73
CA THR A 139 -0.85 -10.27 -12.40
C THR A 139 -1.67 -11.48 -11.98
N ALA A 140 -2.95 -11.43 -12.31
CA ALA A 140 -3.88 -12.52 -12.00
C ALA A 140 -4.49 -13.07 -13.27
N VAL A 141 -4.93 -14.32 -13.20
CA VAL A 141 -5.83 -14.89 -14.20
C VAL A 141 -7.04 -15.42 -13.44
N ARG A 142 -8.23 -15.09 -13.94
CA ARG A 142 -9.46 -15.53 -13.28
C ARG A 142 -9.46 -17.05 -13.18
N ARG A 143 -9.90 -17.56 -12.04
CA ARG A 143 -9.99 -19.00 -11.86
C ARG A 143 -11.41 -19.38 -11.46
N SER A 144 -11.79 -20.59 -11.83
CA SER A 144 -13.04 -21.18 -11.35
C SER A 144 -12.68 -22.17 -10.23
N VAL A 145 -13.72 -22.80 -9.67
CA VAL A 145 -13.53 -23.83 -8.66
C VAL A 145 -14.47 -24.98 -8.98
N THR A 146 -14.10 -26.16 -8.48
CA THR A 146 -14.84 -27.39 -8.77
C THR A 146 -15.87 -27.65 -7.67
N VAL A 147 -17.16 -27.62 -8.04
CA VAL A 147 -18.20 -28.03 -7.10
C VAL A 147 -18.66 -29.45 -7.44
N ASP A 148 -17.99 -30.43 -6.85
CA ASP A 148 -18.26 -31.84 -7.15
C ASP A 148 -18.19 -32.05 -8.67
N GLY A 149 -16.97 -31.90 -9.18
CA GLY A 149 -16.64 -32.16 -10.57
C GLY A 149 -17.06 -31.14 -11.62
N VAL A 150 -17.94 -30.18 -11.32
CA VAL A 150 -18.33 -29.15 -12.30
C VAL A 150 -17.65 -27.82 -11.97
N ALA A 151 -17.11 -27.17 -13.02
CA ALA A 151 -16.40 -25.90 -12.91
C ALA A 151 -17.37 -24.74 -12.77
N THR A 152 -17.19 -23.95 -11.71
CA THR A 152 -18.14 -22.94 -11.29
C THR A 152 -17.50 -21.56 -11.27
N ASP A 153 -18.17 -20.59 -11.93
CA ASP A 153 -17.74 -19.20 -11.87
C ASP A 153 -18.04 -18.61 -10.49
N ILE A 154 -17.02 -18.08 -9.83
CA ILE A 154 -17.20 -17.47 -8.52
C ILE A 154 -16.76 -16.00 -8.55
N GLY A 155 -16.82 -15.38 -9.71
CA GLY A 155 -16.53 -13.97 -9.82
C GLY A 155 -15.05 -13.64 -9.90
N LEU A 156 -14.65 -12.53 -9.27
CA LEU A 156 -13.32 -11.95 -9.45
C LEU A 156 -12.29 -12.60 -8.52
N VAL A 157 -12.16 -13.92 -8.67
CA VAL A 157 -11.17 -14.70 -7.95
C VAL A 157 -10.12 -15.14 -8.95
N GLY A 158 -8.86 -15.01 -8.58
CA GLY A 158 -7.78 -15.28 -9.49
C GLY A 158 -6.71 -16.17 -8.89
N ASP A 159 -5.85 -16.68 -9.78
CA ASP A 159 -4.56 -17.23 -9.44
C ASP A 159 -3.50 -16.26 -9.91
N VAL A 160 -2.39 -16.22 -9.19
CA VAL A 160 -1.25 -15.44 -9.64
C VAL A 160 -0.76 -16.01 -10.96
N ASP A 161 -0.59 -15.15 -11.96
CA ASP A 161 -0.18 -15.62 -13.26
C ASP A 161 1.32 -15.34 -13.45
N GLN A 162 1.70 -14.07 -13.59
CA GLN A 162 3.09 -13.69 -13.70
C GLN A 162 3.50 -12.82 -12.51
N VAL A 163 4.79 -12.84 -12.22
CA VAL A 163 5.39 -12.10 -11.10
C VAL A 163 6.60 -11.36 -11.62
N ASN A 164 6.75 -10.08 -11.24
CA ASN A 164 7.94 -9.29 -11.57
C ASN A 164 9.07 -9.62 -10.60
N THR A 165 9.80 -10.70 -10.90
CA THR A 165 10.83 -11.18 -9.99
C THR A 165 11.88 -10.10 -9.70
N ALA A 166 12.32 -9.39 -10.74
CA ALA A 166 13.39 -8.41 -10.58
C ALA A 166 12.98 -7.24 -9.70
N ALA A 167 11.83 -6.61 -9.98
CA ALA A 167 11.40 -5.48 -9.17
C ALA A 167 11.19 -5.91 -7.72
N MET A 168 10.66 -7.11 -7.53
CA MET A 168 10.42 -7.64 -6.19
C MET A 168 11.72 -7.78 -5.41
N LEU A 169 12.74 -8.40 -6.03
CA LEU A 169 14.04 -8.53 -5.40
C LEU A 169 14.72 -7.18 -5.17
N ASP A 170 14.34 -6.15 -5.92
CA ASP A 170 14.88 -4.81 -5.66
C ASP A 170 14.43 -4.26 -4.32
N LEU A 171 13.16 -4.49 -3.95
CA LEU A 171 12.69 -4.10 -2.62
C LEU A 171 13.51 -4.80 -1.54
N VAL A 172 13.75 -6.08 -1.73
CA VAL A 172 14.51 -6.85 -0.76
C VAL A 172 15.95 -6.36 -0.71
N ALA A 173 16.48 -5.91 -1.85
CA ALA A 173 17.86 -5.43 -1.89
C ALA A 173 18.03 -4.13 -1.11
N ALA A 174 17.00 -3.29 -1.05
CA ALA A 174 17.04 -2.10 -0.23
C ALA A 174 16.90 -2.37 1.26
N GLY A 175 16.84 -3.64 1.66
CA GLY A 175 16.65 -3.94 3.05
C GLY A 175 15.22 -3.91 3.55
N ARG A 176 14.23 -3.94 2.65
CA ARG A 176 12.83 -3.93 3.03
C ARG A 176 12.27 -5.34 3.15
N ILE A 177 11.17 -5.44 3.91
CA ILE A 177 10.44 -6.72 4.05
C ILE A 177 9.08 -6.47 3.37
N PRO A 178 8.88 -6.96 2.14
CA PRO A 178 7.59 -6.80 1.51
C PRO A 178 6.46 -7.47 2.30
N VAL A 179 5.38 -6.73 2.54
CA VAL A 179 4.16 -7.32 3.17
C VAL A 179 3.12 -7.37 2.06
N VAL A 180 2.82 -8.55 1.55
CA VAL A 180 1.97 -8.67 0.33
C VAL A 180 0.49 -8.93 0.61
N SER A 181 -0.36 -8.02 0.16
CA SER A 181 -1.82 -8.25 0.19
C SER A 181 -2.16 -8.90 -1.16
N THR A 182 -2.92 -9.98 -1.17
CA THR A 182 -3.10 -10.81 -2.38
C THR A 182 -4.20 -10.33 -3.33
N LEU A 183 -4.03 -9.18 -3.94
CA LEU A 183 -4.94 -8.67 -4.94
C LEU A 183 -4.08 -8.45 -6.17
N ALA A 184 -4.62 -8.63 -7.35
CA ALA A 184 -3.80 -8.40 -8.53
C ALA A 184 -4.70 -8.14 -9.72
N PRO A 185 -4.27 -7.32 -10.66
CA PRO A 185 -5.04 -7.14 -11.89
C PRO A 185 -4.78 -8.27 -12.88
N ASP A 186 -5.78 -8.53 -13.72
CA ASP A 186 -5.56 -9.41 -14.85
C ASP A 186 -4.98 -8.58 -15.99
N ALA A 187 -4.87 -9.18 -17.19
CA ALA A 187 -4.24 -8.50 -18.32
C ALA A 187 -5.02 -7.27 -18.76
N ASP A 188 -6.31 -7.20 -18.44
CA ASP A 188 -7.15 -6.06 -18.82
C ASP A 188 -7.30 -5.05 -17.69
N GLY A 189 -6.55 -5.20 -16.60
CA GLY A 189 -6.64 -4.27 -15.50
C GLY A 189 -7.70 -4.57 -14.47
N VAL A 190 -8.43 -5.68 -14.59
CA VAL A 190 -9.49 -5.99 -13.63
C VAL A 190 -8.86 -6.65 -12.41
N VAL A 191 -9.04 -6.03 -11.24
CA VAL A 191 -8.37 -6.54 -10.04
C VAL A 191 -9.16 -7.72 -9.47
N HIS A 192 -8.45 -8.80 -9.17
CA HIS A 192 -9.03 -10.01 -8.62
C HIS A 192 -8.49 -10.27 -7.22
N ASN A 193 -9.29 -10.99 -6.44
CA ASN A 193 -8.91 -11.43 -5.10
C ASN A 193 -8.27 -12.80 -5.24
N ILE A 194 -7.09 -12.97 -4.65
CA ILE A 194 -6.33 -14.21 -4.77
C ILE A 194 -6.20 -14.84 -3.39
N ASN A 195 -6.44 -16.16 -3.31
CA ASN A 195 -6.25 -16.86 -2.04
C ASN A 195 -4.80 -16.72 -1.62
N ALA A 196 -4.58 -16.36 -0.35
CA ALA A 196 -3.24 -15.93 0.04
C ALA A 196 -2.27 -17.10 0.10
N ASP A 197 -2.75 -18.31 0.37
CA ASP A 197 -1.87 -19.47 0.34
C ASP A 197 -1.32 -19.69 -1.06
N THR A 198 -2.20 -19.69 -2.06
CA THR A 198 -1.72 -19.90 -3.42
C THR A 198 -0.81 -18.77 -3.87
N ALA A 199 -1.11 -17.53 -3.47
CA ALA A 199 -0.24 -16.42 -3.84
C ALA A 199 1.13 -16.58 -3.20
N ALA A 200 1.19 -16.99 -1.93
CA ALA A 200 2.50 -17.17 -1.30
C ALA A 200 3.33 -18.18 -2.05
N ALA A 201 2.70 -19.26 -2.52
CA ALA A 201 3.44 -20.27 -3.27
C ALA A 201 3.95 -19.71 -4.59
N ALA A 202 3.12 -18.91 -5.28
CA ALA A 202 3.54 -18.32 -6.55
C ALA A 202 4.72 -17.37 -6.34
N VAL A 203 4.67 -16.56 -5.28
CA VAL A 203 5.75 -15.63 -4.99
C VAL A 203 7.02 -16.40 -4.62
N ALA A 204 6.88 -17.46 -3.81
CA ALA A 204 8.03 -18.28 -3.42
C ALA A 204 8.71 -18.88 -4.64
N GLU A 205 7.92 -19.45 -5.56
CA GLU A 205 8.51 -20.00 -6.77
C GLU A 205 9.17 -18.91 -7.61
N ALA A 206 8.48 -17.77 -7.78
CA ALA A 206 8.98 -16.72 -8.67
C ALA A 206 10.28 -16.11 -8.15
N LEU A 207 10.41 -15.94 -6.83
CA LEU A 207 11.59 -15.32 -6.26
C LEU A 207 12.72 -16.31 -6.00
N GLY A 208 12.54 -17.59 -6.34
CA GLY A 208 13.55 -18.58 -6.00
C GLY A 208 13.79 -18.70 -4.51
N ALA A 209 12.72 -18.70 -3.72
CA ALA A 209 12.87 -18.74 -2.27
C ALA A 209 13.51 -20.06 -1.84
N GLU A 210 14.23 -20.00 -0.71
CA GLU A 210 14.82 -21.21 -0.17
C GLU A 210 13.80 -22.02 0.61
N LYS A 211 12.80 -21.36 1.15
CA LYS A 211 11.75 -22.02 1.84
C LYS A 211 10.45 -21.24 1.80
N LEU A 212 9.35 -21.98 1.86
CA LEU A 212 8.01 -21.42 2.02
C LEU A 212 7.47 -21.89 3.37
N LEU A 213 7.08 -20.94 4.23
CA LEU A 213 6.50 -21.25 5.54
C LEU A 213 5.03 -20.86 5.51
N MET A 214 4.16 -21.77 5.93
CA MET A 214 2.72 -21.52 5.96
C MET A 214 2.22 -21.67 7.39
N LEU A 215 1.89 -20.55 8.02
CA LEU A 215 1.34 -20.61 9.37
C LEU A 215 -0.10 -21.12 9.32
N THR A 216 -0.42 -22.08 10.19
CA THR A 216 -1.73 -22.70 10.25
C THR A 216 -2.11 -22.92 11.71
N ASP A 217 -3.40 -23.11 11.94
CA ASP A 217 -3.90 -23.37 13.30
C ASP A 217 -3.97 -24.86 13.61
N ILE A 218 -2.96 -25.63 13.25
CA ILE A 218 -2.99 -27.08 13.41
C ILE A 218 -1.57 -27.55 13.70
N ASP A 219 -1.47 -28.74 14.31
CA ASP A 219 -0.17 -29.31 14.64
C ASP A 219 0.65 -29.62 13.38
N GLY A 220 -0.03 -29.86 12.27
CA GLY A 220 0.63 -30.27 11.04
C GLY A 220 -0.34 -31.02 10.15
N LEU A 221 0.22 -31.75 9.19
CA LEU A 221 -0.56 -32.53 8.24
C LEU A 221 -0.87 -33.91 8.83
N TYR A 222 -2.16 -34.26 8.88
CA TYR A 222 -2.60 -35.59 9.24
C TYR A 222 -3.00 -36.34 7.97
N THR A 223 -2.47 -37.54 7.80
CA THR A 223 -2.78 -38.32 6.61
C THR A 223 -4.12 -39.05 6.69
N ARG A 224 -4.63 -39.32 7.88
CA ARG A 224 -5.88 -40.05 8.06
C ARG A 224 -6.72 -39.39 9.14
N TRP A 225 -6.94 -38.08 9.01
CA TRP A 225 -7.75 -37.30 9.93
C TRP A 225 -9.12 -37.97 10.15
N PRO A 226 -9.60 -38.03 11.40
CA PRO A 226 -9.03 -37.38 12.59
C PRO A 226 -8.07 -38.25 13.39
N ASP A 227 -7.59 -39.35 12.83
CA ASP A 227 -6.70 -40.23 13.57
C ASP A 227 -5.45 -39.43 13.92
N ARG A 228 -5.30 -39.07 15.20
CA ARG A 228 -4.20 -38.21 15.60
C ARG A 228 -2.86 -38.90 15.54
N ASP A 229 -2.83 -40.21 15.28
CA ASP A 229 -1.59 -40.94 15.06
C ASP A 229 -1.11 -40.85 13.62
N SER A 230 -1.90 -40.22 12.74
CA SER A 230 -1.55 -40.05 11.34
C SER A 230 -0.75 -38.80 11.05
N LEU A 231 -0.23 -38.11 12.07
CA LEU A 231 0.47 -36.85 11.83
C LEU A 231 1.86 -37.12 11.27
N VAL A 232 2.21 -36.38 10.22
CA VAL A 232 3.43 -36.63 9.45
C VAL A 232 4.35 -35.42 9.58
N SER A 233 5.62 -35.66 9.92
CA SER A 233 6.57 -34.56 10.01
C SER A 233 7.24 -34.25 8.68
N GLU A 234 7.31 -35.21 7.76
CA GLU A 234 7.90 -34.96 6.44
C GLU A 234 7.22 -35.84 5.41
N ILE A 235 6.95 -35.29 4.22
CA ILE A 235 6.24 -36.00 3.18
C ILE A 235 6.71 -35.47 1.83
N ASP A 236 6.75 -36.35 0.83
CA ASP A 236 7.14 -35.94 -0.50
C ASP A 236 5.92 -35.56 -1.32
N THR A 237 6.16 -34.78 -2.38
CA THR A 237 5.05 -34.23 -3.16
C THR A 237 4.25 -35.32 -3.86
N GLY A 238 4.89 -36.41 -4.26
CA GLY A 238 4.15 -37.51 -4.85
C GLY A 238 3.13 -38.08 -3.89
N THR A 239 3.57 -38.40 -2.67
CA THR A 239 2.66 -38.91 -1.66
C THR A 239 1.62 -37.87 -1.27
N LEU A 240 2.03 -36.61 -1.17
CA LEU A 240 1.11 -35.57 -0.71
C LEU A 240 0.02 -35.30 -1.74
N ALA A 241 0.34 -35.38 -3.04
CA ALA A 241 -0.69 -35.20 -4.05
C ALA A 241 -1.77 -36.27 -3.97
N GLN A 242 -1.42 -37.50 -3.57
CA GLN A 242 -2.42 -38.55 -3.45
C GLN A 242 -3.40 -38.30 -2.32
N LEU A 243 -2.97 -37.62 -1.26
CA LEU A 243 -3.85 -37.31 -0.14
C LEU A 243 -4.86 -36.24 -0.50
N LEU A 244 -4.56 -35.41 -1.50
CA LEU A 244 -5.36 -34.24 -1.84
C LEU A 244 -6.86 -34.50 -1.93
N PRO A 245 -7.36 -35.55 -2.62
CA PRO A 245 -8.81 -35.80 -2.61
C PRO A 245 -9.37 -36.13 -1.25
N THR A 246 -8.54 -36.52 -0.28
CA THR A 246 -8.99 -36.99 1.02
C THR A 246 -9.07 -35.89 2.06
N LEU A 247 -8.38 -34.78 1.84
CA LEU A 247 -8.15 -33.84 2.92
C LEU A 247 -9.37 -32.96 3.20
N GLU A 248 -9.35 -32.39 4.39
CA GLU A 248 -10.36 -31.43 4.79
C GLU A 248 -10.26 -30.19 3.91
N SER A 249 -11.42 -29.59 3.63
CA SER A 249 -11.45 -28.44 2.72
C SER A 249 -10.57 -27.30 3.22
N GLY A 250 -10.38 -27.18 4.53
CA GLY A 250 -9.55 -26.12 5.09
C GLY A 250 -8.07 -26.28 4.82
N MET A 251 -7.61 -27.51 4.60
CA MET A 251 -6.21 -27.79 4.31
C MET A 251 -5.90 -27.79 2.82
N VAL A 252 -6.91 -28.03 1.99
CA VAL A 252 -6.65 -28.16 0.52
C VAL A 252 -5.79 -26.98 0.04
N PRO A 253 -6.06 -25.65 0.28
CA PRO A 253 -5.16 -24.59 -0.20
C PRO A 253 -3.74 -24.67 0.36
N LYS A 254 -3.62 -25.11 1.60
CA LYS A 254 -2.31 -25.24 2.22
C LYS A 254 -1.50 -26.28 1.47
N VAL A 255 -2.14 -27.40 1.13
CA VAL A 255 -1.45 -28.47 0.41
C VAL A 255 -1.23 -28.10 -1.06
N GLU A 256 -2.24 -27.52 -1.70
CA GLU A 256 -2.06 -27.12 -3.09
C GLU A 256 -0.94 -26.09 -3.23
N ALA A 257 -0.79 -25.21 -2.23
CA ALA A 257 0.31 -24.26 -2.23
C ALA A 257 1.66 -24.93 -2.05
N CYS A 258 1.77 -25.84 -1.05
CA CYS A 258 3.02 -26.58 -0.87
C CYS A 258 3.40 -27.33 -2.13
N LEU A 259 2.44 -28.03 -2.74
CA LEU A 259 2.74 -28.75 -3.96
C LEU A 259 3.23 -27.81 -5.04
N ARG A 260 2.54 -26.68 -5.22
CA ARG A 260 2.91 -25.75 -6.28
C ARG A 260 4.32 -25.22 -6.05
N ALA A 261 4.63 -24.83 -4.83
CA ALA A 261 5.95 -24.27 -4.54
C ALA A 261 7.04 -25.32 -4.74
N VAL A 262 6.85 -26.51 -4.18
CA VAL A 262 7.94 -27.48 -4.19
C VAL A 262 8.11 -28.11 -5.56
N ILE A 263 7.01 -28.37 -6.26
CA ILE A 263 7.13 -28.85 -7.64
C ILE A 263 7.77 -27.77 -8.52
N GLY A 264 7.53 -26.49 -8.20
CA GLY A 264 8.14 -25.39 -8.90
C GLY A 264 9.55 -25.04 -8.50
N GLY A 265 10.19 -25.84 -7.63
CA GLY A 265 11.61 -25.68 -7.37
C GLY A 265 11.97 -25.12 -6.02
N VAL A 266 11.00 -24.74 -5.20
CA VAL A 266 11.35 -24.31 -3.85
C VAL A 266 11.83 -25.52 -3.05
N PRO A 267 13.03 -25.47 -2.45
CA PRO A 267 13.59 -26.69 -1.85
C PRO A 267 12.69 -27.34 -0.83
N SER A 268 11.97 -26.57 -0.01
CA SER A 268 11.05 -27.18 0.93
C SER A 268 9.95 -26.18 1.30
N ALA A 269 8.77 -26.71 1.55
CA ALA A 269 7.67 -25.94 2.10
C ALA A 269 7.28 -26.54 3.43
N HIS A 270 6.76 -25.71 4.34
CA HIS A 270 6.56 -26.13 5.73
C HIS A 270 5.21 -25.65 6.21
N ILE A 271 4.39 -26.58 6.67
CA ILE A 271 3.13 -26.27 7.36
C ILE A 271 3.42 -26.27 8.87
N ILE A 272 3.31 -25.10 9.49
CA ILE A 272 3.74 -24.96 10.87
C ILE A 272 2.60 -24.38 11.70
N ASP A 273 2.68 -24.64 12.99
CA ASP A 273 1.59 -24.35 13.91
C ASP A 273 1.71 -22.89 14.33
N GLY A 274 0.85 -22.05 13.75
CA GLY A 274 0.86 -20.63 14.09
C GLY A 274 0.39 -20.32 15.49
N ARG A 275 -0.11 -21.32 16.21
CA ARG A 275 -0.53 -21.12 17.60
C ARG A 275 0.64 -21.05 18.58
N VAL A 276 1.85 -21.37 18.13
CA VAL A 276 3.04 -21.44 18.98
C VAL A 276 3.79 -20.13 18.88
N THR A 277 4.06 -19.49 20.02
CA THR A 277 4.82 -18.25 20.00
C THR A 277 6.18 -18.48 19.37
N HIS A 278 6.59 -17.56 18.49
CA HIS A 278 7.86 -17.64 17.77
C HIS A 278 7.95 -18.89 16.91
N CYS A 279 6.81 -19.34 16.36
CA CYS A 279 6.82 -20.53 15.52
C CYS A 279 7.83 -20.43 14.39
N VAL A 280 8.03 -19.23 13.84
CA VAL A 280 8.98 -19.06 12.75
C VAL A 280 10.40 -19.39 13.20
N LEU A 281 10.81 -18.90 14.38
CA LEU A 281 12.15 -19.24 14.86
C LEU A 281 12.28 -20.72 15.15
N VAL A 282 11.23 -21.33 15.71
CA VAL A 282 11.25 -22.77 15.99
C VAL A 282 11.49 -23.55 14.71
N GLU A 283 10.75 -23.23 13.65
CA GLU A 283 10.90 -23.93 12.39
C GLU A 283 12.30 -23.75 11.80
N LEU A 284 12.78 -22.51 11.76
CA LEU A 284 13.98 -22.24 10.95
C LEU A 284 15.28 -22.59 11.68
N PHE A 285 15.35 -22.37 13.00
CA PHE A 285 16.64 -22.43 13.69
C PHE A 285 16.72 -23.55 14.71
N THR A 286 15.76 -24.47 14.68
CA THR A 286 15.66 -25.55 15.63
C THR A 286 15.39 -26.81 14.82
N ASP A 287 15.79 -27.97 15.36
CA ASP A 287 15.51 -29.20 14.63
C ASP A 287 14.52 -30.04 15.45
N ALA A 288 13.39 -29.43 15.81
CA ALA A 288 12.39 -30.10 16.62
C ALA A 288 11.62 -31.16 15.84
N GLY A 289 11.67 -31.13 14.51
CA GLY A 289 10.85 -32.02 13.73
C GLY A 289 9.37 -31.68 13.79
N THR A 290 9.03 -30.51 14.30
CA THR A 290 7.66 -30.05 14.46
C THR A 290 7.06 -29.62 13.11
N GLY A 291 5.74 -29.56 13.07
CA GLY A 291 5.13 -29.18 11.80
C GLY A 291 5.31 -30.25 10.74
N THR A 292 5.08 -29.87 9.48
CA THR A 292 5.21 -30.79 8.36
C THR A 292 6.04 -30.18 7.26
N LYS A 293 7.10 -30.88 6.87
CA LYS A 293 8.00 -30.45 5.83
C LYS A 293 7.67 -31.19 4.53
N VAL A 294 7.60 -30.47 3.43
CA VAL A 294 7.25 -31.02 2.12
C VAL A 294 8.46 -30.86 1.22
N VAL A 295 8.91 -31.95 0.60
CA VAL A 295 10.04 -31.89 -0.32
C VAL A 295 9.66 -32.60 -1.60
N ARG A 296 10.49 -32.40 -2.62
CA ARG A 296 10.21 -32.97 -3.93
C ARG A 296 10.47 -34.47 -3.93
N GLY A 297 9.57 -35.22 -4.56
CA GLY A 297 9.72 -36.65 -4.67
C GLY A 297 8.92 -37.23 -5.81
N ALA B 9 -8.23 16.89 -37.54
CA ALA B 9 -8.74 18.00 -38.32
C ALA B 9 -7.85 19.24 -38.16
N LEU B 10 -7.04 19.25 -37.12
CA LEU B 10 -6.15 20.36 -36.83
C LEU B 10 -4.95 20.31 -37.77
N PRO B 11 -4.60 21.42 -38.43
CA PRO B 11 -3.45 21.39 -39.35
C PRO B 11 -2.18 20.93 -38.64
N THR B 12 -1.37 20.17 -39.35
CA THR B 12 -0.22 19.56 -38.71
C THR B 12 0.81 20.62 -38.30
N HIS B 13 0.92 21.71 -39.07
CA HIS B 13 1.86 22.75 -38.67
C HIS B 13 1.43 23.41 -37.35
N ILE B 14 0.14 23.38 -37.03
CA ILE B 14 -0.29 23.89 -35.74
C ILE B 14 0.03 22.92 -34.62
N LYS B 15 -0.16 21.61 -34.83
CA LYS B 15 0.23 20.64 -33.81
C LYS B 15 1.72 20.71 -33.51
N ALA B 16 2.53 20.86 -34.56
CA ALA B 16 3.97 20.97 -34.39
C ALA B 16 4.33 22.15 -33.50
N GLN B 17 3.68 23.30 -33.71
CA GLN B 17 4.02 24.45 -32.90
C GLN B 17 3.59 24.27 -31.46
N VAL B 18 2.45 23.61 -31.22
CA VAL B 18 2.05 23.34 -29.85
C VAL B 18 3.11 22.49 -29.15
N LEU B 19 3.58 21.45 -29.83
CA LEU B 19 4.63 20.59 -29.28
C LEU B 19 5.93 21.36 -29.09
N ALA B 20 6.34 22.15 -30.09
CA ALA B 20 7.60 22.87 -29.98
C ALA B 20 7.60 23.85 -28.80
N GLU B 21 6.45 24.48 -28.52
CA GLU B 21 6.35 25.45 -27.44
C GLU B 21 6.45 24.81 -26.07
N ALA B 22 6.33 23.49 -25.95
CA ALA B 22 6.55 22.86 -24.67
C ALA B 22 8.01 22.80 -24.28
N LEU B 23 8.94 23.04 -25.22
CA LEU B 23 10.35 22.72 -24.96
C LEU B 23 10.95 23.47 -23.77
N PRO B 24 10.74 24.78 -23.57
CA PRO B 24 11.30 25.44 -22.38
C PRO B 24 10.91 24.75 -21.08
N TRP B 25 9.69 24.24 -21.03
CA TRP B 25 9.23 23.64 -19.77
C TRP B 25 9.68 22.21 -19.62
N LEU B 26 9.77 21.46 -20.73
CA LEU B 26 10.44 20.16 -20.66
C LEU B 26 11.86 20.31 -20.12
N LYS B 27 12.58 21.34 -20.57
CA LYS B 27 13.94 21.57 -20.07
C LYS B 27 13.96 21.90 -18.58
N GLN B 28 13.00 22.73 -18.14
CA GLN B 28 12.96 23.12 -16.73
C GLN B 28 12.64 21.95 -15.82
N LEU B 29 11.85 20.99 -16.30
CA LEU B 29 11.35 19.93 -15.43
C LEU B 29 12.07 18.60 -15.60
N HIS B 30 12.88 18.43 -16.64
CA HIS B 30 13.51 17.13 -16.86
C HIS B 30 14.38 16.76 -15.67
N GLY B 31 14.14 15.56 -15.12
CA GLY B 31 14.90 15.10 -13.98
C GLY B 31 14.51 15.74 -12.66
N LYS B 32 13.42 16.50 -12.62
CA LYS B 32 13.02 17.22 -11.42
C LYS B 32 11.77 16.58 -10.84
N VAL B 33 11.56 16.81 -9.54
CA VAL B 33 10.38 16.30 -8.86
C VAL B 33 9.26 17.31 -8.99
N VAL B 34 8.05 16.83 -9.29
CA VAL B 34 6.85 17.64 -9.30
C VAL B 34 5.88 16.96 -8.35
N VAL B 35 5.47 17.65 -7.29
CA VAL B 35 4.50 17.11 -6.35
C VAL B 35 3.12 17.60 -6.76
N VAL B 36 2.17 16.67 -6.88
CA VAL B 36 0.83 16.98 -7.35
C VAL B 36 -0.17 16.58 -6.27
N LYS B 37 -0.92 17.55 -5.76
CA LYS B 37 -2.01 17.25 -4.83
C LYS B 37 -3.25 16.94 -5.64
N TYR B 38 -3.79 15.76 -5.47
CA TYR B 38 -4.88 15.26 -6.30
C TYR B 38 -6.12 15.08 -5.43
N GLY B 39 -7.23 15.68 -5.84
CA GLY B 39 -8.46 15.60 -5.08
C GLY B 39 -9.55 16.38 -5.80
N GLY B 40 -10.72 16.47 -5.17
CA GLY B 40 -11.84 17.16 -5.81
C GLY B 40 -12.42 16.35 -6.97
N ASN B 41 -13.04 17.06 -7.92
CA ASN B 41 -13.69 16.39 -9.05
C ASN B 41 -12.72 15.68 -9.97
N ALA B 42 -11.45 16.09 -10.01
CA ALA B 42 -10.48 15.38 -10.83
C ALA B 42 -10.32 13.95 -10.38
N MET B 43 -10.70 13.66 -9.14
CA MET B 43 -10.59 12.32 -8.59
C MET B 43 -11.87 11.52 -8.71
N THR B 44 -13.00 12.16 -8.95
CA THR B 44 -14.26 11.43 -9.02
C THR B 44 -14.85 11.33 -10.42
N ASP B 45 -14.63 12.32 -11.27
CA ASP B 45 -15.20 12.27 -12.62
C ASP B 45 -14.38 11.35 -13.51
N ASP B 46 -15.05 10.50 -14.29
CA ASP B 46 -14.30 9.43 -14.93
C ASP B 46 -13.43 9.96 -16.08
N THR B 47 -13.89 10.99 -16.80
CA THR B 47 -13.03 11.57 -17.83
C THR B 47 -11.80 12.24 -17.21
N LEU B 48 -12.02 12.99 -16.12
CA LEU B 48 -10.90 13.73 -15.54
C LEU B 48 -9.88 12.83 -14.89
N ARG B 49 -10.33 11.79 -14.17
CA ARG B 49 -9.37 10.93 -13.49
C ARG B 49 -8.54 10.13 -14.50
N ARG B 50 -9.13 9.70 -15.62
CA ARG B 50 -8.33 9.01 -16.63
C ARG B 50 -7.32 9.94 -17.26
N ALA B 51 -7.70 11.19 -17.52
CA ALA B 51 -6.75 12.15 -18.06
C ALA B 51 -5.64 12.47 -17.06
N PHE B 52 -5.99 12.59 -15.76
CA PHE B 52 -4.98 12.82 -14.75
C PHE B 52 -3.96 11.67 -14.72
N ALA B 53 -4.46 10.43 -14.73
CA ALA B 53 -3.54 9.29 -14.68
C ALA B 53 -2.65 9.29 -15.91
N ALA B 54 -3.24 9.58 -17.07
CA ALA B 54 -2.45 9.68 -18.30
C ALA B 54 -1.40 10.79 -18.20
N ASP B 55 -1.75 11.90 -17.53
CA ASP B 55 -0.77 12.98 -17.40
C ASP B 55 0.39 12.58 -16.51
N MET B 56 0.12 11.77 -15.48
CA MET B 56 1.20 11.23 -14.66
C MET B 56 2.10 10.33 -15.49
N ALA B 57 1.52 9.49 -16.35
CA ALA B 57 2.33 8.67 -17.24
C ALA B 57 3.11 9.52 -18.24
N PHE B 58 2.49 10.63 -18.70
CA PHE B 58 3.18 11.57 -19.58
C PHE B 58 4.44 12.12 -18.91
N LEU B 59 4.31 12.64 -17.69
CA LEU B 59 5.48 13.17 -16.98
C LEU B 59 6.55 12.12 -16.83
N ARG B 60 6.14 10.92 -16.43
CA ARG B 60 7.07 9.80 -16.25
C ARG B 60 7.83 9.52 -17.54
N ASN B 61 7.13 9.54 -18.66
CA ASN B 61 7.77 9.22 -19.92
C ASN B 61 8.46 10.42 -20.56
N CYS B 62 8.53 11.56 -19.87
CA CYS B 62 9.44 12.62 -20.26
C CYS B 62 10.67 12.68 -19.36
N GLY B 63 10.82 11.74 -18.43
CA GLY B 63 11.94 11.82 -17.50
C GLY B 63 11.71 12.77 -16.36
N ILE B 64 10.45 13.21 -16.15
CA ILE B 64 10.08 14.04 -15.01
C ILE B 64 9.65 13.11 -13.89
N HIS B 65 9.79 13.53 -12.63
CA HIS B 65 9.48 12.63 -11.53
C HIS B 65 8.26 13.10 -10.74
N PRO B 66 7.05 12.72 -11.16
CA PRO B 66 5.86 13.12 -10.39
C PRO B 66 5.75 12.33 -9.09
N VAL B 67 5.22 13.01 -8.09
CA VAL B 67 4.87 12.39 -6.81
C VAL B 67 3.45 12.85 -6.49
N VAL B 68 2.52 11.91 -6.38
CA VAL B 68 1.12 12.26 -6.16
C VAL B 68 0.80 12.11 -4.69
N VAL B 69 0.18 13.14 -4.13
CA VAL B 69 -0.35 13.11 -2.77
C VAL B 69 -1.84 13.30 -2.90
N HIS B 70 -2.61 12.34 -2.41
CA HIS B 70 -4.04 12.43 -2.68
C HIS B 70 -4.83 12.65 -1.40
N GLY B 71 -6.04 13.19 -1.56
CA GLY B 71 -6.99 13.35 -0.48
C GLY B 71 -8.10 12.33 -0.54
N GLY B 72 -9.18 12.60 0.18
CA GLY B 72 -10.28 11.66 0.18
C GLY B 72 -11.30 11.93 1.25
N GLY B 73 -11.45 13.19 1.64
CA GLY B 73 -12.40 13.59 2.66
C GLY B 73 -13.81 13.07 2.46
N PRO B 74 -14.41 13.31 1.29
CA PRO B 74 -15.79 12.84 1.08
C PRO B 74 -15.92 11.34 1.11
N GLN B 75 -14.94 10.61 0.57
CA GLN B 75 -14.98 9.15 0.63
C GLN B 75 -14.90 8.64 2.06
N ILE B 76 -14.05 9.25 2.90
CA ILE B 76 -13.99 8.87 4.31
C ILE B 76 -15.34 9.09 4.97
N THR B 77 -15.90 10.29 4.80
CA THR B 77 -17.20 10.63 5.39
C THR B 77 -18.27 9.64 4.97
N ALA B 78 -18.28 9.25 3.71
CA ALA B 78 -19.26 8.31 3.21
C ALA B 78 -19.11 6.96 3.87
N MET B 79 -17.87 6.50 4.08
CA MET B 79 -17.67 5.18 4.69
C MET B 79 -18.03 5.23 6.17
N LEU B 80 -17.69 6.34 6.86
CA LEU B 80 -18.08 6.46 8.26
C LEU B 80 -19.59 6.42 8.40
N ARG B 81 -20.30 7.07 7.48
CA ARG B 81 -21.76 7.04 7.48
C ARG B 81 -22.28 5.62 7.33
N ARG B 82 -21.73 4.85 6.38
CA ARG B 82 -22.15 3.47 6.16
C ARG B 82 -21.89 2.60 7.38
N LEU B 83 -20.84 2.89 8.13
CA LEU B 83 -20.51 2.10 9.31
C LEU B 83 -21.16 2.65 10.57
N GLY B 84 -21.90 3.75 10.48
CA GLY B 84 -22.56 4.33 11.63
C GLY B 84 -21.63 5.00 12.61
N ILE B 85 -20.48 5.48 12.16
CA ILE B 85 -19.55 6.17 13.05
C ILE B 85 -19.78 7.67 12.88
N GLU B 86 -20.29 8.31 13.92
CA GLU B 86 -20.55 9.73 13.94
C GLU B 86 -19.31 10.47 14.41
N GLY B 87 -18.97 11.56 13.73
CA GLY B 87 -17.79 12.32 14.07
C GLY B 87 -17.97 13.77 13.73
N ASP B 88 -16.97 14.58 14.08
CA ASP B 88 -17.02 16.01 13.83
C ASP B 88 -15.78 16.45 13.07
N PHE B 89 -15.84 17.66 12.54
CA PHE B 89 -14.66 18.37 12.10
C PHE B 89 -14.43 19.54 13.06
N LYS B 90 -13.19 19.97 13.17
CA LYS B 90 -12.90 21.19 13.91
C LYS B 90 -11.76 21.91 13.21
N GLY B 91 -11.96 23.20 12.95
CA GLY B 91 -10.96 23.98 12.24
C GLY B 91 -10.60 23.37 10.91
N GLY B 92 -11.56 22.70 10.25
CA GLY B 92 -11.31 22.01 9.00
C GLY B 92 -10.65 20.65 9.11
N PHE B 93 -10.33 20.17 10.32
CA PHE B 93 -9.71 18.86 10.50
C PHE B 93 -10.72 17.88 11.10
N ARG B 94 -10.60 16.63 10.70
CA ARG B 94 -11.48 15.60 11.21
C ARG B 94 -11.10 15.15 12.59
N VAL B 95 -12.02 15.22 13.55
CA VAL B 95 -11.75 14.68 14.93
C VAL B 95 -11.44 13.21 14.78
N THR B 96 -10.23 12.80 15.10
CA THR B 96 -9.82 11.42 14.78
C THR B 96 -9.69 10.52 16.01
N THR B 97 -10.72 9.71 16.25
CA THR B 97 -10.64 8.69 17.30
C THR B 97 -9.88 7.49 16.72
N PRO B 98 -9.38 6.48 17.49
CA PRO B 98 -8.78 5.30 16.85
C PRO B 98 -9.70 4.67 15.82
N GLU B 99 -11.00 4.61 16.10
CA GLU B 99 -11.95 4.05 15.13
C GLU B 99 -11.99 4.85 13.84
N VAL B 100 -12.02 6.17 13.94
CA VAL B 100 -12.04 7.06 12.74
C VAL B 100 -10.73 6.88 11.96
N LEU B 101 -9.60 6.79 12.67
CA LEU B 101 -8.31 6.58 11.96
C LEU B 101 -8.33 5.30 11.13
N ASP B 102 -8.79 4.22 11.73
CA ASP B 102 -8.83 2.92 11.02
C ASP B 102 -9.64 3.07 9.73
N VAL B 103 -10.78 3.73 9.81
CA VAL B 103 -11.60 3.88 8.61
C VAL B 103 -10.91 4.81 7.61
N ALA B 104 -10.38 5.95 8.09
CA ALA B 104 -9.68 6.88 7.23
C ALA B 104 -8.54 6.18 6.49
N ARG B 105 -7.74 5.40 7.22
CA ARG B 105 -6.60 4.73 6.61
C ARG B 105 -7.08 3.69 5.60
N MET B 106 -8.11 2.95 5.97
CA MET B 106 -8.59 1.90 5.09
C MET B 106 -9.19 2.50 3.80
N VAL B 107 -9.90 3.63 3.93
CA VAL B 107 -10.46 4.27 2.73
C VAL B 107 -9.37 4.93 1.89
N LEU B 108 -8.49 5.70 2.53
CA LEU B 108 -7.47 6.41 1.76
C LEU B 108 -6.52 5.45 1.07
N PHE B 109 -5.99 4.49 1.82
CA PHE B 109 -4.94 3.62 1.30
C PHE B 109 -5.51 2.41 0.58
N GLY B 110 -6.63 1.87 1.07
CA GLY B 110 -7.18 0.66 0.49
C GLY B 110 -8.26 0.84 -0.54
N GLN B 111 -8.63 2.08 -0.86
CA GLN B 111 -9.71 2.38 -1.82
C GLN B 111 -9.31 3.52 -2.74
N VAL B 112 -9.10 4.72 -2.19
CA VAL B 112 -8.82 5.90 -3.04
C VAL B 112 -7.46 5.76 -3.74
N GLY B 113 -6.40 5.49 -2.99
CA GLY B 113 -5.09 5.33 -3.61
C GLY B 113 -5.06 4.17 -4.56
N ARG B 114 -5.82 3.11 -4.25
CA ARG B 114 -5.88 1.94 -5.13
C ARG B 114 -6.46 2.30 -6.48
N GLU B 115 -7.49 3.14 -6.51
CA GLU B 115 -8.06 3.54 -7.80
C GLU B 115 -7.04 4.28 -8.64
N LEU B 116 -6.26 5.18 -8.01
CA LEU B 116 -5.29 5.97 -8.78
C LEU B 116 -4.14 5.10 -9.26
N VAL B 117 -3.65 4.20 -8.41
CA VAL B 117 -2.58 3.32 -8.81
C VAL B 117 -2.99 2.51 -10.03
N ASN B 118 -4.22 1.97 -10.01
CA ASN B 118 -4.66 1.16 -11.15
C ASN B 118 -4.85 2.01 -12.40
N LEU B 119 -5.34 3.22 -12.26
CA LEU B 119 -5.52 4.08 -13.41
C LEU B 119 -4.19 4.39 -14.05
N ILE B 120 -3.21 4.78 -13.23
CA ILE B 120 -1.85 5.08 -13.76
C ILE B 120 -1.24 3.82 -14.37
N ASN B 121 -1.41 2.67 -13.73
CA ASN B 121 -0.74 1.44 -14.19
C ASN B 121 -1.34 0.87 -15.47
N ALA B 122 -2.41 1.48 -15.99
CA ALA B 122 -2.91 1.09 -17.32
C ALA B 122 -1.88 1.53 -18.36
N HIS B 123 -0.98 2.43 -17.99
CA HIS B 123 0.02 2.96 -18.94
C HIS B 123 1.38 2.28 -18.76
N GLY B 124 1.54 1.50 -17.69
CA GLY B 124 2.84 0.88 -17.42
C GLY B 124 3.09 0.61 -15.95
N PRO B 125 4.21 -0.04 -15.59
CA PRO B 125 4.51 -0.41 -14.21
C PRO B 125 5.08 0.76 -13.41
N TYR B 126 4.27 1.78 -13.16
CA TYR B 126 4.84 3.00 -12.57
C TYR B 126 4.37 3.27 -11.13
N ALA B 127 3.07 3.27 -10.91
CA ALA B 127 2.55 3.71 -9.61
C ALA B 127 2.74 2.73 -8.46
N VAL B 128 3.14 3.25 -7.32
CA VAL B 128 3.29 2.45 -6.08
C VAL B 128 2.60 3.24 -4.96
N GLY B 129 1.74 2.58 -4.20
CA GLY B 129 1.04 3.24 -3.10
C GLY B 129 1.84 3.16 -1.82
N ILE B 130 1.94 4.29 -1.12
CA ILE B 130 2.70 4.33 0.16
C ILE B 130 2.05 5.27 1.17
N THR B 131 2.13 4.94 2.45
CA THR B 131 1.87 5.93 3.49
C THR B 131 3.19 6.16 4.21
N GLY B 132 3.16 7.07 5.19
CA GLY B 132 4.35 7.23 6.04
C GLY B 132 4.71 5.97 6.81
N GLU B 133 3.76 5.05 6.99
CA GLU B 133 4.04 3.81 7.72
C GLU B 133 5.05 2.94 6.96
N ASP B 134 5.01 2.97 5.64
CA ASP B 134 5.84 2.06 4.84
C ASP B 134 7.29 2.49 4.91
N ALA B 135 8.17 1.57 5.36
CA ALA B 135 9.59 1.85 5.53
C ALA B 135 9.84 3.12 6.34
N GLN B 136 8.85 3.53 7.15
CA GLN B 136 8.92 4.78 7.93
C GLN B 136 9.32 5.96 7.03
N LEU B 137 8.69 6.03 5.85
CA LEU B 137 9.10 7.02 4.86
C LEU B 137 8.82 8.44 5.34
N PHE B 138 7.78 8.65 6.15
CA PHE B 138 7.67 9.92 6.83
C PHE B 138 6.91 9.75 8.13
N THR B 139 7.13 10.68 9.05
CA THR B 139 6.53 10.63 10.37
C THR B 139 5.54 11.78 10.56
N ALA B 140 4.75 11.67 11.61
CA ALA B 140 3.79 12.70 11.99
C ALA B 140 4.10 13.22 13.38
N VAL B 141 3.68 14.44 13.65
CA VAL B 141 3.61 14.96 15.00
C VAL B 141 2.17 15.41 15.23
N ARG B 142 1.61 15.04 16.38
CA ARG B 142 0.24 15.38 16.71
C ARG B 142 0.03 16.88 16.65
N ARG B 143 -1.09 17.29 16.09
CA ARG B 143 -1.39 18.71 16.08
C ARG B 143 -2.76 18.97 16.70
N SER B 144 -2.89 20.12 17.33
CA SER B 144 -4.16 20.62 17.79
C SER B 144 -4.64 21.70 16.82
N VAL B 145 -5.81 22.24 17.08
CA VAL B 145 -6.31 23.39 16.33
C VAL B 145 -6.90 24.37 17.32
N THR B 146 -6.83 25.65 16.98
CA THR B 146 -7.37 26.71 17.83
C THR B 146 -8.70 27.16 17.24
N VAL B 147 -9.79 26.87 17.95
CA VAL B 147 -11.13 27.33 17.62
C VAL B 147 -11.52 28.42 18.62
N ASP B 148 -11.58 29.66 18.14
CA ASP B 148 -11.80 30.82 19.00
C ASP B 148 -10.74 30.90 20.10
N GLY B 149 -9.49 31.05 19.64
CA GLY B 149 -8.37 31.28 20.52
C GLY B 149 -7.90 30.14 21.41
N VAL B 150 -8.71 29.09 21.58
CA VAL B 150 -8.36 28.00 22.48
C VAL B 150 -7.87 26.80 21.68
N ALA B 151 -6.76 26.22 22.12
CA ALA B 151 -6.17 25.05 21.47
C ALA B 151 -6.97 23.82 21.83
N THR B 152 -7.43 23.09 20.82
CA THR B 152 -8.39 22.02 20.98
C THR B 152 -7.77 20.70 20.53
N ASP B 153 -7.88 19.70 21.39
CA ASP B 153 -7.47 18.34 21.04
C ASP B 153 -8.47 17.76 20.06
N ILE B 154 -8.00 17.31 18.90
CA ILE B 154 -8.85 16.71 17.90
C ILE B 154 -8.42 15.27 17.62
N GLY B 155 -7.72 14.65 18.57
CA GLY B 155 -7.38 13.25 18.44
C GLY B 155 -6.16 13.02 17.58
N LEU B 156 -6.21 11.95 16.78
CA LEU B 156 -5.04 11.44 16.04
C LEU B 156 -4.88 12.14 14.70
N VAL B 157 -4.77 13.46 14.79
CA VAL B 157 -4.50 14.31 13.64
C VAL B 157 -3.08 14.81 13.77
N GLY B 158 -2.31 14.72 12.69
CA GLY B 158 -0.91 15.06 12.73
C GLY B 158 -0.54 16.00 11.60
N ASP B 159 0.66 16.55 11.72
CA ASP B 159 1.35 17.21 10.62
C ASP B 159 2.55 16.36 10.22
N VAL B 160 2.94 16.43 8.95
CA VAL B 160 4.16 15.75 8.54
C VAL B 160 5.33 16.34 9.30
N ASP B 161 6.13 15.46 9.91
CA ASP B 161 7.29 15.90 10.69
C ASP B 161 8.57 15.66 9.93
N GLN B 162 9.07 14.43 9.83
CA GLN B 162 10.31 14.14 9.12
C GLN B 162 10.01 13.27 7.91
N VAL B 163 10.85 13.39 6.88
CA VAL B 163 10.67 12.68 5.60
C VAL B 163 12.00 12.03 5.23
N ASN B 164 11.96 10.74 4.85
CA ASN B 164 13.17 10.07 4.36
C ASN B 164 13.33 10.45 2.90
N THR B 165 13.93 11.64 2.70
CA THR B 165 14.07 12.20 1.37
C THR B 165 14.85 11.27 0.46
N ALA B 166 15.94 10.69 0.99
CA ALA B 166 16.80 9.84 0.18
C ALA B 166 16.04 8.62 -0.34
N ALA B 167 15.25 7.98 0.53
CA ALA B 167 14.47 6.82 0.10
C ALA B 167 13.41 7.21 -0.93
N MET B 168 12.74 8.36 -0.74
CA MET B 168 11.73 8.81 -1.69
C MET B 168 12.34 9.09 -3.06
N LEU B 169 13.47 9.81 -3.08
CA LEU B 169 14.13 10.10 -4.34
C LEU B 169 14.65 8.84 -5.02
N ASP B 170 14.98 7.81 -4.25
CA ASP B 170 15.36 6.53 -4.84
C ASP B 170 14.18 5.92 -5.58
N LEU B 171 13.00 5.99 -4.98
CA LEU B 171 11.80 5.48 -5.64
C LEU B 171 11.57 6.13 -6.99
N VAL B 172 11.62 7.47 -7.05
CA VAL B 172 11.33 8.12 -8.33
C VAL B 172 12.46 7.92 -9.32
N ALA B 173 13.70 7.81 -8.84
CA ALA B 173 14.81 7.56 -9.75
C ALA B 173 14.70 6.19 -10.41
N ALA B 174 14.10 5.24 -9.71
CA ALA B 174 13.79 3.91 -10.23
C ALA B 174 12.61 3.91 -11.22
N GLY B 175 12.08 5.08 -11.55
CA GLY B 175 10.97 5.19 -12.47
C GLY B 175 9.60 4.93 -11.88
N ARG B 176 9.45 4.90 -10.55
CA ARG B 176 8.14 4.72 -9.93
C ARG B 176 7.49 6.07 -9.66
N ILE B 177 6.16 6.05 -9.63
CA ILE B 177 5.37 7.26 -9.29
C ILE B 177 4.73 6.98 -7.93
N PRO B 178 5.27 7.53 -6.84
CA PRO B 178 4.65 7.35 -5.54
C PRO B 178 3.24 7.94 -5.46
N VAL B 179 2.28 7.14 -5.03
CA VAL B 179 0.90 7.62 -4.77
C VAL B 179 0.80 7.64 -3.24
N VAL B 180 0.81 8.83 -2.65
CA VAL B 180 0.92 8.94 -1.18
C VAL B 180 -0.42 9.11 -0.46
N SER B 181 -0.75 8.16 0.41
CA SER B 181 -1.92 8.31 1.29
C SER B 181 -1.40 9.01 2.55
N THR B 182 -2.06 10.06 3.00
CA THR B 182 -1.54 10.93 4.07
C THR B 182 -1.76 10.41 5.48
N LEU B 183 -1.14 9.28 5.80
CA LEU B 183 -1.18 8.76 7.18
C LEU B 183 0.27 8.47 7.56
N ALA B 184 0.58 8.63 8.85
CA ALA B 184 1.94 8.42 9.27
C ALA B 184 2.08 8.19 10.77
N PRO B 185 3.06 7.42 11.18
CA PRO B 185 3.26 7.22 12.61
C PRO B 185 3.99 8.40 13.25
N ASP B 186 3.71 8.63 14.52
CA ASP B 186 4.51 9.57 15.30
C ASP B 186 5.73 8.84 15.84
N ALA B 187 6.48 9.49 16.74
CA ALA B 187 7.71 8.91 17.25
C ALA B 187 7.47 7.64 18.07
N ASP B 188 6.26 7.44 18.61
CA ASP B 188 5.94 6.26 19.41
C ASP B 188 5.20 5.19 18.60
N GLY B 189 5.10 5.36 17.29
CA GLY B 189 4.43 4.38 16.46
C GLY B 189 2.92 4.57 16.28
N VAL B 190 2.33 5.63 16.84
CA VAL B 190 0.89 5.83 16.74
C VAL B 190 0.58 6.53 15.42
N VAL B 191 -0.26 5.90 14.61
CA VAL B 191 -0.54 6.42 13.27
C VAL B 191 -1.56 7.55 13.38
N HIS B 192 -1.26 8.67 12.72
CA HIS B 192 -2.14 9.82 12.67
C HIS B 192 -2.62 10.08 11.25
N ASN B 193 -3.77 10.72 11.16
CA ASN B 193 -4.33 11.16 9.90
C ASN B 193 -3.84 12.58 9.64
N ILE B 194 -3.34 12.83 8.43
CA ILE B 194 -2.77 14.14 8.08
C ILE B 194 -3.60 14.74 6.96
N ASN B 195 -3.91 16.03 7.09
CA ASN B 195 -4.62 16.74 6.02
C ASN B 195 -3.78 16.73 4.75
N ALA B 196 -4.40 16.35 3.62
CA ALA B 196 -3.57 16.04 2.45
C ALA B 196 -2.93 17.29 1.84
N ASP B 197 -3.59 18.44 1.93
CA ASP B 197 -2.99 19.67 1.42
C ASP B 197 -1.72 20.00 2.21
N THR B 198 -1.79 19.94 3.55
CA THR B 198 -0.58 20.25 4.32
C THR B 198 0.51 19.23 4.04
N ALA B 199 0.14 17.97 3.86
CA ALA B 199 1.12 16.93 3.60
C ALA B 199 1.82 17.14 2.25
N ALA B 200 1.07 17.51 1.21
CA ALA B 200 1.67 17.72 -0.10
C ALA B 200 2.73 18.81 -0.06
N ALA B 201 2.47 19.89 0.67
CA ALA B 201 3.46 20.97 0.80
C ALA B 201 4.69 20.50 1.57
N ALA B 202 4.48 19.72 2.63
CA ALA B 202 5.62 19.23 3.39
C ALA B 202 6.50 18.30 2.55
N VAL B 203 5.87 17.45 1.74
CA VAL B 203 6.61 16.56 0.86
C VAL B 203 7.33 17.35 -0.22
N ALA B 204 6.67 18.35 -0.79
CA ALA B 204 7.32 19.17 -1.81
C ALA B 204 8.58 19.82 -1.27
N GLU B 205 8.49 20.40 -0.07
CA GLU B 205 9.67 21.01 0.52
C GLU B 205 10.76 19.97 0.80
N ALA B 206 10.38 18.83 1.38
CA ALA B 206 11.37 17.84 1.78
C ALA B 206 12.10 17.25 0.57
N LEU B 207 11.39 17.04 -0.53
CA LEU B 207 12.01 16.45 -1.70
C LEU B 207 12.68 17.48 -2.61
N GLY B 208 12.65 18.75 -2.25
CA GLY B 208 13.22 19.75 -3.15
C GLY B 208 12.52 19.79 -4.48
N ALA B 209 11.20 19.73 -4.48
CA ALA B 209 10.44 19.70 -5.72
C ALA B 209 10.62 21.00 -6.49
N GLU B 210 10.56 20.90 -7.81
CA GLU B 210 10.63 22.09 -8.63
C GLU B 210 9.30 22.82 -8.67
N LYS B 211 8.19 22.10 -8.49
CA LYS B 211 6.85 22.69 -8.49
C LYS B 211 5.93 21.89 -7.58
N LEU B 212 4.99 22.59 -6.96
CA LEU B 212 3.86 21.98 -6.27
C LEU B 212 2.60 22.36 -7.04
N LEU B 213 1.82 21.38 -7.47
CA LEU B 213 0.57 21.62 -8.16
C LEU B 213 -0.57 21.19 -7.23
N MET B 214 -1.53 22.08 -7.01
CA MET B 214 -2.66 21.80 -6.11
C MET B 214 -3.93 21.84 -6.95
N LEU B 215 -4.48 20.67 -7.23
CA LEU B 215 -5.71 20.63 -8.01
C LEU B 215 -6.87 21.08 -7.12
N THR B 216 -7.70 21.98 -7.63
CA THR B 216 -8.82 22.54 -6.87
C THR B 216 -10.02 22.63 -7.80
N ASP B 217 -11.22 22.67 -7.22
CA ASP B 217 -12.42 22.80 -8.05
C ASP B 217 -12.80 24.24 -8.31
N ILE B 218 -11.83 25.09 -8.64
CA ILE B 218 -12.08 26.50 -8.87
C ILE B 218 -11.06 27.00 -9.89
N ASP B 219 -11.37 28.13 -10.54
CA ASP B 219 -10.51 28.71 -11.57
C ASP B 219 -9.16 29.15 -11.03
N GLY B 220 -9.09 29.47 -9.75
CA GLY B 220 -7.89 29.99 -9.15
C GLY B 220 -8.24 30.80 -7.92
N LEU B 221 -7.30 31.63 -7.47
CA LEU B 221 -7.51 32.44 -6.29
C LEU B 221 -8.27 33.72 -6.64
N TYR B 222 -9.40 33.92 -5.98
CA TYR B 222 -10.20 35.13 -6.05
C TYR B 222 -9.95 36.00 -4.82
N THR B 223 -9.70 37.28 -5.04
CA THR B 223 -9.62 38.19 -3.90
C THR B 223 -11.00 38.66 -3.46
N ARG B 224 -11.99 38.59 -4.36
CA ARG B 224 -13.35 39.06 -4.09
C ARG B 224 -14.35 38.01 -4.57
N TRP B 225 -14.20 36.78 -4.05
CA TRP B 225 -15.13 35.69 -4.38
C TRP B 225 -16.60 36.13 -4.20
N PRO B 226 -17.47 35.81 -5.18
CA PRO B 226 -17.31 35.06 -6.43
C PRO B 226 -17.04 35.91 -7.69
N ASP B 227 -16.66 37.17 -7.53
CA ASP B 227 -16.46 38.06 -8.67
C ASP B 227 -15.26 37.58 -9.49
N ARG B 228 -15.50 37.13 -10.73
CA ARG B 228 -14.43 36.56 -11.53
C ARG B 228 -13.40 37.59 -11.97
N ASP B 229 -13.64 38.88 -11.75
CA ASP B 229 -12.64 39.89 -12.08
C ASP B 229 -11.59 40.05 -10.98
N SER B 230 -11.77 39.44 -9.82
CA SER B 230 -10.77 39.47 -8.76
C SER B 230 -9.79 38.30 -8.85
N LEU B 231 -9.78 37.56 -9.96
CA LEU B 231 -8.94 36.38 -10.06
C LEU B 231 -7.49 36.80 -10.28
N VAL B 232 -6.58 36.11 -9.60
CA VAL B 232 -5.17 36.47 -9.55
C VAL B 232 -4.42 35.38 -10.30
N SER B 233 -3.65 35.75 -11.33
CA SER B 233 -2.88 34.72 -12.03
C SER B 233 -1.51 34.48 -11.40
N GLU B 234 -0.92 35.47 -10.73
CA GLU B 234 0.36 35.26 -10.09
C GLU B 234 0.47 36.18 -8.89
N ILE B 235 1.06 35.67 -7.81
CA ILE B 235 1.16 36.43 -6.57
C ILE B 235 2.38 35.97 -5.80
N ASP B 236 2.99 36.89 -5.06
CA ASP B 236 4.12 36.57 -4.19
C ASP B 236 3.61 36.17 -2.81
N THR B 237 4.48 35.47 -2.06
CA THR B 237 4.07 34.92 -0.77
C THR B 237 3.77 36.01 0.25
N GLY B 238 4.46 37.15 0.17
CA GLY B 238 4.17 38.25 1.10
C GLY B 238 2.76 38.77 0.96
N THR B 239 2.35 39.14 -0.26
CA THR B 239 0.99 39.62 -0.49
C THR B 239 -0.03 38.53 -0.19
N LEU B 240 0.27 37.28 -0.55
CA LEU B 240 -0.71 36.22 -0.36
C LEU B 240 -0.92 35.94 1.13
N ALA B 241 0.13 36.06 1.95
CA ALA B 241 -0.06 35.91 3.39
C ALA B 241 -0.96 37.02 3.92
N GLN B 242 -0.93 38.21 3.34
CA GLN B 242 -1.83 39.27 3.78
C GLN B 242 -3.27 38.97 3.39
N LEU B 243 -3.46 38.34 2.23
CA LEU B 243 -4.80 38.02 1.76
C LEU B 243 -5.44 36.88 2.54
N LEU B 244 -4.62 36.00 3.12
CA LEU B 244 -5.10 34.76 3.73
C LEU B 244 -6.27 34.92 4.70
N PRO B 245 -6.23 35.81 5.70
CA PRO B 245 -7.40 35.94 6.59
C PRO B 245 -8.67 36.38 5.89
N THR B 246 -8.59 36.92 4.67
CA THR B 246 -9.77 37.43 3.98
C THR B 246 -10.43 36.39 3.09
N LEU B 247 -9.78 35.27 2.81
CA LEU B 247 -10.25 34.31 1.82
C LEU B 247 -11.35 33.41 2.37
N GLU B 248 -12.09 32.80 1.45
CA GLU B 248 -13.08 31.79 1.82
C GLU B 248 -12.39 30.59 2.45
N SER B 249 -13.07 29.99 3.43
CA SER B 249 -12.47 28.90 4.19
C SER B 249 -12.05 27.74 3.30
N GLY B 250 -12.74 27.52 2.17
CA GLY B 250 -12.37 26.43 1.29
C GLY B 250 -11.03 26.60 0.63
N MET B 251 -10.56 27.84 0.49
CA MET B 251 -9.28 28.10 -0.13
C MET B 251 -8.12 28.13 0.87
N VAL B 252 -8.41 28.36 2.15
CA VAL B 252 -7.38 28.52 3.19
C VAL B 252 -6.35 27.39 3.14
N PRO B 253 -6.74 26.11 3.26
CA PRO B 253 -5.69 25.06 3.20
C PRO B 253 -4.87 25.07 1.92
N LYS B 254 -5.47 25.38 0.78
CA LYS B 254 -4.72 25.45 -0.47
C LYS B 254 -3.67 26.55 -0.42
N VAL B 255 -4.07 27.70 0.10
CA VAL B 255 -3.15 28.84 0.17
C VAL B 255 -2.09 28.60 1.23
N GLU B 256 -2.48 28.05 2.38
CA GLU B 256 -1.48 27.76 3.41
C GLU B 256 -0.45 26.78 2.91
N ALA B 257 -0.88 25.82 2.07
CA ALA B 257 0.04 24.85 1.48
C ALA B 257 1.02 25.53 0.53
N CYS B 258 0.51 26.37 -0.38
CA CYS B 258 1.39 27.07 -1.31
C CYS B 258 2.40 27.92 -0.56
N LEU B 259 1.93 28.64 0.45
CA LEU B 259 2.82 29.49 1.23
C LEU B 259 3.91 28.67 1.88
N ARG B 260 3.54 27.55 2.51
CA ARG B 260 4.54 26.74 3.20
C ARG B 260 5.57 26.19 2.22
N ALA B 261 5.11 25.67 1.09
CA ALA B 261 6.02 25.06 0.12
C ALA B 261 6.97 26.11 -0.45
N VAL B 262 6.44 27.26 -0.85
CA VAL B 262 7.31 28.22 -1.52
C VAL B 262 8.23 28.91 -0.51
N ILE B 263 7.74 29.21 0.69
CA ILE B 263 8.63 29.73 1.72
C ILE B 263 9.68 28.69 2.09
N GLY B 264 9.34 27.40 1.99
CA GLY B 264 10.27 26.31 2.22
C GLY B 264 11.21 25.96 1.09
N GLY B 265 11.24 26.74 0.01
CA GLY B 265 12.23 26.59 -1.03
C GLY B 265 11.74 26.02 -2.35
N VAL B 266 10.47 25.65 -2.45
CA VAL B 266 9.93 25.21 -3.75
C VAL B 266 9.81 26.42 -4.67
N PRO B 267 10.38 26.39 -5.88
CA PRO B 267 10.38 27.59 -6.73
C PRO B 267 9.00 28.15 -7.02
N SER B 268 7.98 27.30 -7.26
CA SER B 268 6.66 27.87 -7.42
C SER B 268 5.62 26.83 -7.06
N ALA B 269 4.49 27.31 -6.53
CA ALA B 269 3.34 26.50 -6.26
C ALA B 269 2.17 27.02 -7.08
N HIS B 270 1.25 26.13 -7.44
CA HIS B 270 0.21 26.45 -8.40
C HIS B 270 -1.13 25.91 -7.92
N ILE B 271 -2.12 26.79 -7.82
CA ILE B 271 -3.50 26.37 -7.59
C ILE B 271 -4.15 26.29 -8.97
N ILE B 272 -4.51 25.09 -9.39
CA ILE B 272 -5.00 24.91 -10.75
C ILE B 272 -6.37 24.26 -10.71
N ASP B 273 -7.10 24.44 -11.80
CA ASP B 273 -8.50 24.06 -11.87
C ASP B 273 -8.57 22.59 -12.25
N GLY B 274 -8.84 21.73 -11.26
CA GLY B 274 -8.98 20.31 -11.49
C GLY B 274 -10.22 19.90 -12.26
N ARG B 275 -11.14 20.83 -12.51
CA ARG B 275 -12.32 20.51 -13.32
C ARG B 275 -12.00 20.43 -14.81
N VAL B 276 -10.81 20.84 -15.20
CA VAL B 276 -10.40 20.94 -16.60
C VAL B 276 -9.66 19.67 -16.99
N THR B 277 -10.09 19.01 -18.06
CA THR B 277 -9.37 17.82 -18.51
C THR B 277 -7.92 18.16 -18.82
N HIS B 278 -7.00 17.30 -18.36
CA HIS B 278 -5.57 17.46 -18.59
C HIS B 278 -5.03 18.74 -17.95
N CYS B 279 -5.61 19.15 -16.81
CA CYS B 279 -5.16 20.38 -16.16
C CYS B 279 -3.66 20.37 -15.89
N VAL B 280 -3.07 19.19 -15.62
CA VAL B 280 -1.64 19.12 -15.35
C VAL B 280 -0.83 19.48 -16.60
N LEU B 281 -1.21 18.93 -17.76
CA LEU B 281 -0.48 19.29 -18.98
C LEU B 281 -0.63 20.76 -19.31
N VAL B 282 -1.84 21.29 -19.13
CA VAL B 282 -2.10 22.70 -19.41
C VAL B 282 -1.21 23.57 -18.56
N GLU B 283 -1.16 23.31 -17.24
CA GLU B 283 -0.34 24.10 -16.34
C GLU B 283 1.13 24.01 -16.71
N LEU B 284 1.64 22.79 -16.95
CA LEU B 284 3.09 22.60 -17.04
C LEU B 284 3.66 22.94 -18.41
N PHE B 285 2.94 22.64 -19.50
CA PHE B 285 3.56 22.69 -20.82
C PHE B 285 2.98 23.76 -21.71
N THR B 286 2.21 24.66 -21.14
CA THR B 286 1.51 25.70 -21.86
C THR B 286 1.69 26.98 -21.08
N ASP B 287 1.63 28.11 -21.78
CA ASP B 287 1.72 29.37 -21.04
C ASP B 287 0.37 30.10 -21.14
N ALA B 288 -0.69 29.40 -20.74
CA ALA B 288 -2.03 29.97 -20.81
C ALA B 288 -2.29 31.03 -19.75
N GLY B 289 -1.46 31.11 -18.70
CA GLY B 289 -1.74 32.02 -17.61
C GLY B 289 -2.92 31.64 -16.73
N THR B 290 -3.40 30.41 -16.85
CA THR B 290 -4.53 29.90 -16.07
C THR B 290 -4.11 29.54 -14.64
N GLY B 291 -5.11 29.42 -13.75
CA GLY B 291 -4.80 29.09 -12.35
C GLY B 291 -4.08 30.25 -11.66
N THR B 292 -3.50 29.95 -10.49
CA THR B 292 -2.79 30.97 -9.71
C THR B 292 -1.41 30.45 -9.35
N LYS B 293 -0.38 31.19 -9.75
CA LYS B 293 1.01 30.84 -9.51
C LYS B 293 1.52 31.63 -8.31
N VAL B 294 2.19 30.95 -7.40
CA VAL B 294 2.69 31.54 -6.16
C VAL B 294 4.22 31.45 -6.20
N VAL B 295 4.88 32.59 -6.00
CA VAL B 295 6.33 32.67 -6.00
C VAL B 295 6.79 33.39 -4.73
N ARG B 296 8.09 33.30 -4.48
CA ARG B 296 8.67 33.81 -3.25
C ARG B 296 8.75 35.34 -3.31
N GLY B 297 8.46 36.00 -2.20
CA GLY B 297 8.54 37.45 -2.19
C GLY B 297 8.75 38.06 -0.82
#